data_7RRW
#
_entry.id   7RRW
#
_cell.length_a   59.024
_cell.length_b   81.671
_cell.length_c   71.758
_cell.angle_alpha   90.000
_cell.angle_beta   110.870
_cell.angle_gamma   90.000
#
_symmetry.space_group_name_H-M   'P 1 21 1'
#
loop_
_entity.id
_entity.type
_entity.pdbx_description
1 polymer 'Diphtheria toxin'
2 non-polymer 2-AMINO-2-HYDROXYMETHYL-PROPANE-1,3-DIOL
3 water water
#
_entity_poly.entity_id   1
_entity_poly.type   'polypeptide(L)'
_entity_poly.pdbx_seq_one_letter_code
;GADDVVDSSKSFVMENFSSYHGTKPGYVDSIQKGIQKPKSGTQGNYDDDWKEFYSTDNKYDAAGYSVDNENPLSGKAGGV
VKVTYPGLTKVLALKVDNAETIKKELGLSLTEPLMEQVGTEEFIKRFGDGASRVVLSLPFAEGSSSVEYINNWEQAKALS
VELEINFETRGKRGQDAMYEYMAQACAGNRVRRSVGSSLSCINLDWDVIRDKTKTKIESLKEHGPIKNKMSESPNKTVSE
EKAKQYLEEFHQTALEHPELSELKTVTGTNPVFAGANYAAWAVNVAQVIDSETADNLEKTTAALSILPGIGSVMGIADGA
VHHNTEEIVAQSIALSSLMVAQAIPLVGELVDIGFAAYNFVESIINLFQVVHNSYNRPAYSPGHKTQPFLHDGYAVSWNT
VEDSIIRTGFQGESGHDIKITAENTPLPIAGVLLPTIPGKLDVNKSKTHISVNGRKIRMRCRAIDGDVTFCRPKSPVYVG
NGVHANLHVAFHRSSSEKIHSNEISSDSIGVLGYQKTVDHTKVNSKLSLFFEIKS
;
_entity_poly.pdbx_strand_id   A
#
loop_
_chem_comp.id
_chem_comp.type
_chem_comp.name
_chem_comp.formula
TRS non-polymer 2-AMINO-2-HYDROXYMETHYL-PROPANE-1,3-DIOL 'C4 H12 N O3 1'
#
# COMPACT_ATOMS: atom_id res chain seq x y z
N GLY A 1 -24.16 25.42 13.22
CA GLY A 1 -23.15 26.53 13.26
C GLY A 1 -21.74 25.96 13.19
N ALA A 2 -20.74 26.81 13.42
CA ALA A 2 -19.34 26.41 13.48
C ALA A 2 -19.23 25.10 14.27
N ASP A 3 -19.95 25.05 15.39
CA ASP A 3 -19.83 24.04 16.41
C ASP A 3 -20.20 22.64 15.88
N ASP A 4 -20.89 22.56 14.74
CA ASP A 4 -21.25 21.23 14.28
C ASP A 4 -20.09 20.62 13.47
N VAL A 5 -19.09 21.45 13.13
CA VAL A 5 -18.07 21.01 12.18
C VAL A 5 -16.65 21.23 12.69
N VAL A 6 -16.47 22.14 13.67
CA VAL A 6 -15.16 22.39 14.26
C VAL A 6 -15.06 21.57 15.54
N ASP A 7 -13.97 20.82 15.70
CA ASP A 7 -13.60 20.19 16.95
C ASP A 7 -12.73 21.16 17.75
N SER A 8 -13.36 21.85 18.72
CA SER A 8 -12.67 22.83 19.56
C SER A 8 -11.67 22.17 20.51
N SER A 9 -11.82 20.86 20.78
CA SER A 9 -10.90 20.14 21.66
C SER A 9 -9.54 19.94 20.98
N LYS A 10 -9.45 20.18 19.68
CA LYS A 10 -8.22 19.97 18.92
C LYS A 10 -7.83 21.25 18.15
N SER A 11 -8.43 22.40 18.52
CA SER A 11 -8.22 23.65 17.80
C SER A 11 -7.49 24.62 18.72
N PHE A 12 -6.55 25.40 18.16
CA PHE A 12 -5.69 26.28 18.96
C PHE A 12 -4.81 27.09 18.01
N VAL A 13 -4.15 28.09 18.59
CA VAL A 13 -3.20 28.92 17.86
C VAL A 13 -1.82 28.56 18.39
N MET A 14 -0.87 28.34 17.48
CA MET A 14 0.52 28.18 17.86
C MET A 14 1.39 29.24 17.17
N GLU A 15 2.49 29.63 17.86
CA GLU A 15 3.58 30.36 17.25
C GLU A 15 4.54 29.33 16.63
N ASN A 16 5.11 29.64 15.44
CA ASN A 16 6.05 28.74 14.78
C ASN A 16 5.48 27.34 14.62
N PHE A 17 4.25 27.28 14.13
CA PHE A 17 3.62 25.98 13.91
C PHE A 17 4.39 25.18 12.86
N SER A 18 4.74 23.92 13.16
CA SER A 18 5.56 23.12 12.27
C SER A 18 4.90 21.77 12.01
N SER A 19 5.15 21.18 10.84
CA SER A 19 4.65 19.84 10.52
C SER A 19 5.60 19.25 9.47
N TYR A 20 5.33 18.03 9.03
CA TYR A 20 6.22 17.34 8.10
C TYR A 20 5.54 17.14 6.75
N HIS A 21 6.35 17.14 5.71
CA HIS A 21 5.87 16.99 4.34
C HIS A 21 6.80 16.03 3.61
N GLY A 22 6.22 15.07 2.86
CA GLY A 22 7.01 14.11 2.11
C GLY A 22 7.31 14.68 0.72
N THR A 23 8.58 14.71 0.28
CA THR A 23 8.94 15.35 -0.98
C THR A 23 9.29 14.27 -2.00
N LYS A 24 8.98 14.54 -3.28
CA LYS A 24 9.23 13.61 -4.39
C LYS A 24 10.69 13.71 -4.85
N PRO A 25 11.25 12.69 -5.55
CA PRO A 25 12.67 12.69 -5.94
C PRO A 25 13.11 13.97 -6.65
N GLY A 26 14.33 14.43 -6.36
CA GLY A 26 14.89 15.62 -7.00
C GLY A 26 14.64 16.90 -6.21
N TYR A 27 13.66 16.90 -5.28
CA TYR A 27 13.28 18.16 -4.64
C TYR A 27 14.39 18.74 -3.75
N VAL A 28 15.09 17.88 -2.99
CA VAL A 28 16.06 18.33 -2.01
C VAL A 28 17.18 19.13 -2.67
N ASP A 29 17.59 18.75 -3.89
CA ASP A 29 18.30 19.67 -4.76
C ASP A 29 17.33 20.76 -5.25
N GLY A 34 11.72 27.18 -1.43
CA GLY A 34 10.74 26.77 -0.39
C GLY A 34 9.67 25.83 -0.94
N ILE A 35 8.40 26.09 -0.55
CA ILE A 35 7.25 25.27 -0.92
C ILE A 35 6.47 25.97 -2.03
N GLN A 36 6.22 25.24 -3.13
CA GLN A 36 5.58 25.74 -4.35
C GLN A 36 4.76 24.61 -5.00
N LYS A 37 3.59 24.98 -5.53
CA LYS A 37 2.66 24.04 -6.13
C LYS A 37 3.28 23.44 -7.39
N PRO A 38 3.23 22.09 -7.57
CA PRO A 38 3.78 21.44 -8.77
C PRO A 38 3.32 21.97 -10.14
N TRP A 50 -2.61 18.05 -7.06
CA TRP A 50 -3.17 18.36 -5.72
C TRP A 50 -3.47 19.85 -5.61
N LYS A 51 -4.73 20.17 -5.29
CA LYS A 51 -5.18 21.55 -5.18
C LYS A 51 -4.88 22.09 -3.79
N GLU A 52 -4.19 21.30 -2.97
CA GLU A 52 -3.89 21.69 -1.59
C GLU A 52 -2.54 21.11 -1.20
N PHE A 53 -1.83 21.79 -0.27
CA PHE A 53 -0.58 21.29 0.28
C PHE A 53 -0.91 20.50 1.55
N TYR A 54 -0.53 19.23 1.56
CA TYR A 54 -0.76 18.39 2.72
C TYR A 54 0.50 18.27 3.57
N SER A 55 0.30 18.34 4.89
CA SER A 55 1.38 17.97 5.80
C SER A 55 0.80 17.15 6.93
N THR A 56 1.66 16.72 7.83
CA THR A 56 1.18 15.85 8.90
C THR A 56 2.05 16.05 10.13
N ASP A 57 1.53 15.68 11.31
CA ASP A 57 2.33 15.74 12.53
C ASP A 57 3.30 14.57 12.62
N ASN A 58 3.19 13.60 11.71
CA ASN A 58 3.95 12.36 11.89
C ASN A 58 5.01 12.26 10.80
N LYS A 59 6.28 12.45 11.17
CA LYS A 59 7.37 12.47 10.21
C LYS A 59 7.49 11.13 9.44
N TYR A 60 7.03 10.02 10.02
CA TYR A 60 7.17 8.71 9.40
C TYR A 60 6.07 8.47 8.36
N ASP A 61 4.84 8.90 8.66
CA ASP A 61 3.82 8.86 7.64
C ASP A 61 4.07 9.85 6.51
N ALA A 62 4.70 11.00 6.81
CA ALA A 62 5.05 11.93 5.74
C ALA A 62 5.82 11.17 4.65
N ALA A 63 6.64 10.21 5.08
CA ALA A 63 7.48 9.49 4.13
C ALA A 63 6.66 8.81 3.03
N GLY A 64 5.33 8.64 3.26
CA GLY A 64 4.44 8.03 2.27
C GLY A 64 4.03 8.98 1.14
N TYR A 65 4.15 10.28 1.32
CA TYR A 65 3.92 11.12 0.16
C TYR A 65 5.16 11.19 -0.76
N SER A 66 6.21 10.39 -0.53
CA SER A 66 7.50 10.73 -1.11
C SER A 66 7.91 9.91 -2.34
N VAL A 67 7.19 8.83 -2.69
CA VAL A 67 7.63 7.99 -3.81
C VAL A 67 7.18 8.56 -5.15
N ASP A 68 8.11 8.44 -6.13
CA ASP A 68 7.98 8.70 -7.57
C ASP A 68 6.56 8.41 -8.06
N ASN A 69 5.81 9.43 -8.48
CA ASN A 69 4.44 9.22 -8.93
C ASN A 69 4.36 8.31 -10.17
N GLU A 70 5.45 8.27 -10.95
CA GLU A 70 5.50 7.47 -12.16
C GLU A 70 5.80 6.01 -11.87
N ASN A 71 6.51 5.73 -10.77
CA ASN A 71 6.75 4.34 -10.43
C ASN A 71 6.42 4.15 -8.96
N PRO A 72 5.12 4.20 -8.56
CA PRO A 72 4.79 4.29 -7.14
C PRO A 72 5.12 3.03 -6.34
N LEU A 73 5.10 1.84 -6.97
CA LEU A 73 5.34 0.66 -6.14
C LEU A 73 6.83 0.50 -5.83
N SER A 74 7.68 0.82 -6.82
CA SER A 74 9.05 0.36 -6.72
C SER A 74 10.05 1.51 -6.86
N GLY A 75 9.57 2.71 -7.18
CA GLY A 75 10.48 3.77 -7.61
C GLY A 75 11.14 4.44 -6.38
N LYS A 76 12.04 5.37 -6.68
CA LYS A 76 12.84 6.01 -5.66
C LYS A 76 11.92 6.92 -4.84
N ALA A 77 12.15 6.93 -3.52
CA ALA A 77 11.55 7.87 -2.59
C ALA A 77 12.39 9.14 -2.55
N GLY A 78 11.75 10.30 -2.30
CA GLY A 78 12.48 11.57 -2.27
C GLY A 78 13.01 11.83 -0.85
N GLY A 79 12.12 12.32 0.02
CA GLY A 79 12.57 12.72 1.35
C GLY A 79 11.41 13.23 2.21
N VAL A 80 11.75 13.71 3.40
CA VAL A 80 10.80 14.37 4.31
C VAL A 80 11.43 15.70 4.73
N VAL A 81 10.63 16.77 4.70
CA VAL A 81 11.05 18.04 5.28
C VAL A 81 10.14 18.45 6.43
N LYS A 82 10.66 19.29 7.32
CA LYS A 82 9.85 19.92 8.34
C LYS A 82 9.54 21.34 7.83
N VAL A 83 8.27 21.74 7.83
CA VAL A 83 7.92 23.06 7.34
C VAL A 83 7.33 23.85 8.51
N THR A 84 7.76 25.12 8.66
CA THR A 84 7.33 25.97 9.76
C THR A 84 6.71 27.25 9.21
N TYR A 85 5.52 27.60 9.71
CA TYR A 85 5.01 28.94 9.48
C TYR A 85 5.54 29.93 10.54
N PRO A 86 6.05 31.10 10.11
CA PRO A 86 6.46 32.14 11.06
C PRO A 86 5.18 32.78 11.60
N GLY A 87 5.27 33.44 12.77
CA GLY A 87 4.11 34.13 13.30
C GLY A 87 3.10 33.12 13.88
N LEU A 88 1.82 33.50 13.86
CA LEU A 88 0.77 32.73 14.50
C LEU A 88 -0.04 31.99 13.44
N THR A 89 -0.32 30.72 13.70
CA THR A 89 -1.19 29.94 12.82
C THR A 89 -2.30 29.36 13.67
N LYS A 90 -3.54 29.53 13.19
CA LYS A 90 -4.68 28.87 13.79
C LYS A 90 -4.79 27.45 13.23
N VAL A 91 -4.79 26.45 14.10
CA VAL A 91 -5.13 25.10 13.71
C VAL A 91 -6.62 24.89 13.96
N LEU A 92 -7.37 24.64 12.88
CA LEU A 92 -8.82 24.50 13.00
C LEU A 92 -9.19 23.06 12.69
N ALA A 93 -9.40 22.25 13.72
CA ALA A 93 -9.69 20.84 13.57
C ALA A 93 -11.13 20.65 13.12
N LEU A 94 -11.35 19.78 12.12
CA LEU A 94 -12.68 19.58 11.56
C LEU A 94 -13.25 18.23 12.02
N LYS A 95 -14.57 18.20 12.25
CA LYS A 95 -15.20 16.97 12.72
C LYS A 95 -15.58 16.06 11.56
N VAL A 96 -15.61 16.60 10.33
CA VAL A 96 -15.88 15.79 9.15
C VAL A 96 -15.07 16.34 7.99
N ASP A 97 -14.91 15.53 6.93
CA ASP A 97 -14.16 16.03 5.79
C ASP A 97 -15.06 16.36 4.60
N ASN A 98 -16.36 16.51 4.83
CA ASN A 98 -17.28 16.74 3.72
C ASN A 98 -17.29 18.23 3.39
N ALA A 99 -16.80 18.59 2.19
CA ALA A 99 -16.69 19.99 1.80
C ALA A 99 -18.04 20.71 1.81
N GLU A 100 -19.12 20.04 1.40
CA GLU A 100 -20.42 20.71 1.41
C GLU A 100 -20.85 21.03 2.84
N THR A 101 -20.75 20.05 3.74
CA THR A 101 -21.12 20.31 5.12
C THR A 101 -20.31 21.48 5.67
N ILE A 102 -18.99 21.50 5.40
CA ILE A 102 -18.10 22.47 6.03
C ILE A 102 -18.51 23.86 5.56
N LYS A 103 -18.71 23.99 4.24
CA LYS A 103 -19.06 25.28 3.64
C LYS A 103 -20.40 25.75 4.19
N LYS A 104 -21.32 24.80 4.41
CA LYS A 104 -22.63 25.12 4.94
C LYS A 104 -22.50 25.67 6.35
N GLU A 105 -21.91 24.88 7.26
CA GLU A 105 -22.00 25.23 8.67
C GLU A 105 -20.99 26.29 9.10
N LEU A 106 -19.98 26.58 8.27
CA LEU A 106 -19.11 27.72 8.54
C LEU A 106 -19.68 28.96 7.84
N GLY A 107 -20.84 28.78 7.18
CA GLY A 107 -21.52 29.86 6.48
C GLY A 107 -20.63 30.49 5.42
N LEU A 108 -19.97 29.64 4.62
CA LEU A 108 -19.11 30.12 3.56
C LEU A 108 -19.90 30.22 2.24
N SER A 109 -19.22 30.67 1.18
CA SER A 109 -19.74 30.52 -0.17
C SER A 109 -19.90 29.03 -0.46
N LEU A 110 -21.07 28.65 -0.98
CA LEU A 110 -21.34 27.26 -1.26
C LEU A 110 -20.79 26.90 -2.63
N THR A 111 -20.20 27.87 -3.35
CA THR A 111 -19.78 27.60 -4.71
C THR A 111 -18.25 27.47 -4.83
N GLU A 112 -17.48 28.47 -4.36
CA GLU A 112 -16.04 28.45 -4.57
C GLU A 112 -15.36 27.40 -3.70
N PRO A 113 -14.16 26.91 -4.08
CA PRO A 113 -13.47 25.82 -3.36
C PRO A 113 -13.16 26.19 -1.90
N LEU A 114 -13.27 25.20 -1.02
CA LEU A 114 -13.16 25.42 0.41
C LEU A 114 -11.79 26.01 0.72
N MET A 115 -10.75 25.42 0.12
CA MET A 115 -9.38 25.81 0.47
C MET A 115 -9.02 27.20 -0.05
N GLU A 116 -9.68 27.68 -1.11
CA GLU A 116 -9.45 29.07 -1.54
C GLU A 116 -10.06 30.04 -0.54
N GLN A 117 -11.24 29.71 -0.04
CA GLN A 117 -11.95 30.52 0.93
C GLN A 117 -11.19 30.55 2.25
N VAL A 118 -10.67 29.39 2.70
CA VAL A 118 -9.84 29.28 3.90
C VAL A 118 -8.68 30.27 3.82
N GLY A 119 -8.20 30.59 2.62
CA GLY A 119 -7.11 31.53 2.45
C GLY A 119 -7.49 33.01 2.41
N THR A 120 -8.77 33.35 2.56
CA THR A 120 -9.18 34.75 2.43
C THR A 120 -9.03 35.51 3.74
N GLU A 121 -8.80 36.82 3.59
CA GLU A 121 -8.76 37.76 4.69
C GLU A 121 -9.99 37.58 5.60
N GLU A 122 -11.17 37.40 5.01
CA GLU A 122 -12.37 37.34 5.81
C GLU A 122 -12.42 36.05 6.64
N PHE A 123 -12.02 34.92 6.03
CA PHE A 123 -12.01 33.66 6.75
C PHE A 123 -11.04 33.72 7.94
N ILE A 124 -9.85 34.27 7.70
CA ILE A 124 -8.80 34.39 8.71
C ILE A 124 -9.27 35.26 9.88
N LYS A 125 -9.93 36.38 9.57
CA LYS A 125 -10.51 37.22 10.61
C LYS A 125 -11.60 36.50 11.40
N ARG A 126 -12.50 35.79 10.72
CA ARG A 126 -13.59 35.09 11.37
C ARG A 126 -13.12 33.90 12.21
N PHE A 127 -12.14 33.10 11.73
CA PHE A 127 -11.77 31.86 12.41
C PHE A 127 -10.34 31.85 12.95
N GLY A 128 -9.56 32.87 12.63
CA GLY A 128 -8.11 32.94 12.86
C GLY A 128 -7.77 33.17 14.33
N ASP A 129 -8.68 33.79 15.09
CA ASP A 129 -8.45 34.13 16.50
C ASP A 129 -7.20 34.97 16.67
N GLY A 130 -6.89 35.80 15.66
CA GLY A 130 -5.76 36.69 15.75
C GLY A 130 -4.52 36.14 15.03
N ALA A 131 -4.58 34.91 14.51
CA ALA A 131 -3.50 34.35 13.69
C ALA A 131 -3.47 34.98 12.30
N SER A 132 -2.35 34.80 11.57
CA SER A 132 -2.10 35.27 10.21
C SER A 132 -2.76 34.35 9.17
N ARG A 133 -3.02 33.09 9.53
CA ARG A 133 -3.54 32.11 8.60
C ARG A 133 -4.22 30.99 9.37
N VAL A 134 -5.06 30.21 8.69
CA VAL A 134 -5.72 29.06 9.27
C VAL A 134 -5.29 27.83 8.48
N VAL A 135 -4.90 26.76 9.21
CA VAL A 135 -4.68 25.46 8.61
C VAL A 135 -5.78 24.52 9.14
N LEU A 136 -6.34 23.67 8.27
CA LEU A 136 -7.36 22.73 8.72
C LEU A 136 -6.66 21.45 9.17
N SER A 137 -7.22 20.80 10.18
CA SER A 137 -6.73 19.54 10.72
C SER A 137 -7.85 18.49 10.60
N LEU A 138 -7.48 17.30 10.12
CA LEU A 138 -8.36 16.12 10.09
C LEU A 138 -7.63 14.90 10.65
N PRO A 139 -8.36 13.86 11.12
CA PRO A 139 -7.74 12.57 11.39
C PRO A 139 -7.07 12.03 10.12
N PHE A 140 -5.88 11.45 10.27
CA PHE A 140 -5.10 10.99 9.13
C PHE A 140 -5.72 9.75 8.49
N ALA A 141 -6.12 8.75 9.28
CA ALA A 141 -6.69 7.54 8.69
C ALA A 141 -7.26 6.66 9.81
N GLU A 142 -8.15 5.72 9.45
CA GLU A 142 -8.54 4.64 10.36
C GLU A 142 -7.29 3.83 10.72
N GLY A 143 -7.13 3.56 12.02
CA GLY A 143 -6.01 2.78 12.51
C GLY A 143 -4.78 3.65 12.81
N SER A 144 -4.89 4.98 12.56
CA SER A 144 -3.79 5.91 12.78
C SER A 144 -4.14 6.88 13.89
N SER A 145 -3.16 7.31 14.68
CA SER A 145 -3.41 8.44 15.57
C SER A 145 -2.75 9.72 15.03
N SER A 146 -2.32 9.70 13.76
CA SER A 146 -1.72 10.90 13.19
C SER A 146 -2.75 11.97 12.80
N VAL A 147 -2.24 13.20 12.60
CA VAL A 147 -3.06 14.33 12.15
C VAL A 147 -2.60 14.69 10.74
N GLU A 148 -3.54 14.93 9.81
CA GLU A 148 -3.24 15.57 8.55
C GLU A 148 -3.66 17.03 8.57
N TYR A 149 -2.79 17.90 8.01
CA TYR A 149 -3.07 19.33 7.90
C TYR A 149 -3.28 19.65 6.43
N ILE A 150 -4.26 20.49 6.17
CA ILE A 150 -4.52 20.95 4.82
C ILE A 150 -4.21 22.44 4.77
N ASN A 151 -3.36 22.79 3.81
CA ASN A 151 -2.79 24.11 3.71
C ASN A 151 -3.17 24.72 2.35
N ASN A 152 -3.42 26.02 2.34
CA ASN A 152 -3.57 26.80 1.12
C ASN A 152 -2.19 27.02 0.48
N TRP A 153 -2.06 26.73 -0.84
CA TRP A 153 -0.82 26.89 -1.59
C TRP A 153 -0.20 28.28 -1.44
N GLU A 154 -1.02 29.32 -1.62
CA GLU A 154 -0.47 30.67 -1.53
C GLU A 154 0.09 30.90 -0.13
N GLN A 155 -0.65 30.45 0.89
CA GLN A 155 -0.22 30.60 2.28
C GLN A 155 1.07 29.81 2.52
N ALA A 156 1.20 28.65 1.85
CA ALA A 156 2.30 27.71 2.03
C ALA A 156 3.64 28.27 1.58
N LYS A 157 3.62 29.32 0.73
CA LYS A 157 4.80 30.04 0.29
C LYS A 157 5.48 30.74 1.46
N ALA A 158 4.78 30.95 2.57
CA ALA A 158 5.46 31.56 3.69
C ALA A 158 6.27 30.52 4.48
N LEU A 159 6.13 29.22 4.16
CA LEU A 159 6.78 28.21 5.00
C LEU A 159 8.31 28.27 4.90
N SER A 160 9.00 28.15 6.04
CA SER A 160 10.41 27.81 5.99
C SER A 160 10.58 26.28 5.97
N VAL A 161 11.65 25.80 5.32
CA VAL A 161 11.76 24.37 5.08
C VAL A 161 13.10 23.86 5.60
N GLU A 162 13.08 22.79 6.40
CA GLU A 162 14.30 22.17 6.88
C GLU A 162 14.31 20.69 6.52
N LEU A 163 15.46 20.17 6.07
CA LEU A 163 15.54 18.77 5.70
C LEU A 163 15.46 17.90 6.96
N GLU A 164 14.55 16.92 6.92
CA GLU A 164 14.49 15.89 7.95
C GLU A 164 15.34 14.68 7.52
N ILE A 165 15.07 14.17 6.30
CA ILE A 165 15.81 13.04 5.75
C ILE A 165 15.69 13.05 4.23
N ASN A 166 16.79 12.65 3.57
CA ASN A 166 16.83 12.48 2.13
C ASN A 166 17.03 10.99 1.87
N PHE A 167 16.05 10.38 1.20
CA PHE A 167 16.10 8.95 0.96
C PHE A 167 16.90 8.64 -0.30
N GLU A 168 17.33 9.68 -1.04
CA GLU A 168 18.16 9.48 -2.23
C GLU A 168 19.65 9.51 -1.88
N THR A 169 19.97 9.65 -0.58
CA THR A 169 21.32 9.52 -0.04
C THR A 169 22.09 8.44 -0.79
N ARG A 170 23.30 8.79 -1.24
CA ARG A 170 24.14 7.88 -1.99
C ARG A 170 24.38 6.60 -1.16
N GLY A 171 24.40 5.44 -1.80
CA GLY A 171 24.84 4.22 -1.12
C GLY A 171 23.69 3.30 -0.71
N LYS A 172 22.47 3.86 -0.59
CA LYS A 172 21.24 3.13 -0.26
C LYS A 172 20.53 2.72 -1.55
N ARG A 173 20.13 1.45 -1.66
CA ARG A 173 19.88 0.81 -2.96
C ARG A 173 18.46 0.88 -3.53
N GLY A 174 17.41 0.64 -2.73
CA GLY A 174 16.10 0.38 -3.33
C GLY A 174 15.08 1.41 -2.83
N GLN A 175 14.11 0.98 -2.00
CA GLN A 175 13.45 1.89 -1.09
C GLN A 175 14.01 1.65 0.33
N ASP A 176 15.25 1.10 0.43
CA ASP A 176 15.78 0.75 1.73
C ASP A 176 15.76 1.95 2.69
N ALA A 177 16.21 3.12 2.26
CA ALA A 177 16.40 4.24 3.17
C ALA A 177 15.04 4.67 3.74
N MET A 178 14.00 4.64 2.89
CA MET A 178 12.65 4.98 3.34
C MET A 178 12.13 4.00 4.39
N TYR A 179 12.24 2.68 4.16
CA TYR A 179 11.68 1.68 5.08
C TYR A 179 12.49 1.61 6.38
N GLU A 180 13.82 1.76 6.29
CA GLU A 180 14.61 1.75 7.52
C GLU A 180 14.28 3.00 8.33
N TYR A 181 14.02 4.12 7.64
CA TYR A 181 13.64 5.31 8.38
C TYR A 181 12.32 5.08 9.10
N MET A 182 11.32 4.56 8.36
CA MET A 182 9.98 4.31 8.85
C MET A 182 10.01 3.31 10.01
N ALA A 183 10.98 2.38 9.99
CA ALA A 183 11.10 1.39 11.05
C ALA A 183 11.51 2.04 12.39
N GLN A 184 12.00 3.29 12.38
CA GLN A 184 12.23 4.04 13.60
C GLN A 184 10.91 4.28 14.35
N ALA A 185 9.79 4.44 13.64
CA ALA A 185 8.50 4.65 14.31
C ALA A 185 8.31 3.64 15.44
N CYS A 186 8.85 2.42 15.27
CA CYS A 186 8.39 1.26 16.01
C CYS A 186 8.94 1.31 17.45
N CYS A 201 9.72 -5.25 17.42
CA CYS A 201 9.86 -4.41 16.20
C CYS A 201 10.86 -5.08 15.28
N ILE A 202 10.58 -5.02 13.99
CA ILE A 202 11.47 -5.59 12.99
C ILE A 202 12.34 -4.46 12.48
N ASN A 203 13.63 -4.49 12.80
CA ASN A 203 14.51 -3.40 12.41
C ASN A 203 15.76 -3.95 11.71
N LEU A 204 15.60 -4.39 10.47
CA LEU A 204 16.64 -5.15 9.81
C LEU A 204 17.52 -4.15 9.05
N ASP A 205 18.81 -4.50 8.93
CA ASP A 205 19.75 -3.81 8.07
C ASP A 205 19.66 -4.41 6.66
N TRP A 206 19.03 -3.69 5.72
CA TRP A 206 18.84 -4.20 4.38
C TRP A 206 20.13 -4.20 3.56
N ASP A 207 21.10 -3.31 3.88
CA ASP A 207 22.42 -3.43 3.24
C ASP A 207 23.05 -4.79 3.56
N VAL A 208 22.99 -5.18 4.82
CA VAL A 208 23.55 -6.46 5.23
C VAL A 208 22.78 -7.59 4.52
N ILE A 209 21.45 -7.43 4.44
CA ILE A 209 20.71 -8.54 3.83
C ILE A 209 21.12 -8.71 2.36
N ARG A 210 21.28 -7.59 1.65
CA ARG A 210 21.61 -7.63 0.23
C ARG A 210 22.97 -8.27 -0.02
N ASP A 211 23.97 -7.87 0.78
CA ASP A 211 25.30 -8.47 0.73
C ASP A 211 25.22 -9.97 1.03
N LYS A 212 24.48 -10.32 2.09
CA LYS A 212 24.43 -11.70 2.53
C LYS A 212 23.70 -12.58 1.51
N THR A 213 22.70 -12.00 0.83
CA THR A 213 21.92 -12.71 -0.17
C THR A 213 22.85 -13.16 -1.31
N LYS A 214 23.74 -12.26 -1.75
CA LYS A 214 24.65 -12.61 -2.86
C LYS A 214 25.59 -13.73 -2.43
N THR A 215 26.08 -13.63 -1.19
CA THR A 215 27.00 -14.57 -0.58
C THR A 215 26.37 -15.97 -0.55
N LYS A 216 25.10 -16.04 -0.12
CA LYS A 216 24.40 -17.30 0.07
C LYS A 216 24.10 -17.94 -1.28
N ILE A 217 23.78 -17.11 -2.29
CA ILE A 217 23.54 -17.64 -3.63
C ILE A 217 24.80 -18.35 -4.12
N GLU A 218 25.96 -17.71 -3.95
CA GLU A 218 27.22 -18.28 -4.42
C GLU A 218 27.55 -19.57 -3.68
N SER A 219 27.32 -19.60 -2.37
CA SER A 219 27.57 -20.82 -1.61
C SER A 219 26.70 -21.96 -2.13
N LEU A 220 25.39 -21.69 -2.34
CA LEU A 220 24.48 -22.73 -2.83
C LEU A 220 24.93 -23.21 -4.21
N LYS A 221 25.32 -22.28 -5.09
CA LYS A 221 25.71 -22.64 -6.45
C LYS A 221 26.97 -23.53 -6.48
N GLU A 222 27.87 -23.34 -5.50
CA GLU A 222 29.12 -24.09 -5.48
C GLU A 222 28.97 -25.39 -4.69
N HIS A 223 27.76 -25.67 -4.17
CA HIS A 223 27.60 -26.82 -3.28
C HIS A 223 27.43 -28.11 -4.10
N GLY A 224 28.22 -29.16 -3.78
CA GLY A 224 28.16 -30.39 -4.55
C GLY A 224 26.73 -30.92 -4.73
N PRO A 225 25.94 -31.08 -3.64
CA PRO A 225 24.59 -31.64 -3.75
C PRO A 225 23.65 -30.79 -4.61
N ILE A 226 23.86 -29.47 -4.56
CA ILE A 226 23.05 -28.56 -5.37
C ILE A 226 23.40 -28.72 -6.86
N LYS A 227 24.70 -28.80 -7.15
CA LYS A 227 25.16 -29.08 -8.53
C LYS A 227 24.60 -30.39 -9.05
N ASN A 228 24.67 -31.44 -8.21
CA ASN A 228 24.08 -32.73 -8.54
C ASN A 228 22.56 -32.61 -8.81
N LYS A 229 21.86 -31.82 -8.00
CA LYS A 229 20.41 -31.72 -8.16
C LYS A 229 20.11 -30.98 -9.46
N MET A 230 20.92 -29.97 -9.78
CA MET A 230 20.64 -29.16 -10.95
C MET A 230 20.74 -30.03 -12.20
N SER A 231 21.69 -30.97 -12.20
CA SER A 231 21.91 -31.79 -13.38
C SER A 231 20.75 -32.77 -13.54
N GLU A 232 19.91 -32.92 -12.52
CA GLU A 232 18.72 -33.76 -12.60
C GLU A 232 17.54 -32.98 -13.15
N SER A 233 17.69 -31.67 -13.38
CA SER A 233 16.58 -30.89 -13.90
C SER A 233 16.25 -31.35 -15.31
N PRO A 234 14.96 -31.54 -15.68
CA PRO A 234 14.60 -31.71 -17.08
C PRO A 234 15.16 -30.58 -17.95
N ASN A 235 15.21 -29.34 -17.41
CA ASN A 235 15.75 -28.17 -18.09
C ASN A 235 15.03 -27.93 -19.43
N LYS A 236 13.71 -28.15 -19.44
CA LYS A 236 12.84 -27.87 -20.57
C LYS A 236 11.41 -27.84 -20.02
N THR A 237 10.46 -27.37 -20.84
CA THR A 237 9.06 -27.29 -20.43
C THR A 237 8.55 -28.66 -19.97
N VAL A 238 7.99 -28.72 -18.74
CA VAL A 238 7.36 -29.93 -18.21
C VAL A 238 6.05 -29.54 -17.54
N SER A 239 5.29 -30.54 -17.09
CA SER A 239 4.09 -30.29 -16.31
C SER A 239 4.42 -29.57 -15.01
N GLU A 240 3.47 -28.73 -14.58
CA GLU A 240 3.47 -28.06 -13.29
C GLU A 240 3.71 -29.09 -12.18
N GLU A 241 3.15 -30.29 -12.35
CA GLU A 241 3.33 -31.34 -11.36
C GLU A 241 4.80 -31.79 -11.30
N LYS A 242 5.42 -32.03 -12.46
CA LYS A 242 6.84 -32.40 -12.52
C LYS A 242 7.74 -31.27 -11.98
N ALA A 243 7.44 -30.03 -12.35
CA ALA A 243 8.25 -28.89 -11.90
C ALA A 243 8.26 -28.82 -10.37
N LYS A 244 7.07 -28.87 -9.76
CA LYS A 244 6.88 -28.80 -8.33
C LYS A 244 7.66 -29.90 -7.61
N GLN A 245 7.61 -31.12 -8.16
CA GLN A 245 8.29 -32.26 -7.58
C GLN A 245 9.79 -31.96 -7.56
N TYR A 246 10.34 -31.49 -8.68
CA TYR A 246 11.77 -31.23 -8.75
C TYR A 246 12.16 -30.09 -7.80
N LEU A 247 11.35 -29.03 -7.76
CA LEU A 247 11.67 -27.82 -6.99
C LEU A 247 11.61 -28.11 -5.49
N GLU A 248 10.68 -28.98 -5.11
CA GLU A 248 10.60 -29.45 -3.73
C GLU A 248 11.89 -30.12 -3.30
N GLU A 249 12.50 -30.93 -4.19
CA GLU A 249 13.74 -31.63 -3.89
C GLU A 249 14.88 -30.62 -3.82
N PHE A 250 14.82 -29.62 -4.71
CA PHE A 250 15.82 -28.57 -4.72
C PHE A 250 15.81 -27.84 -3.38
N HIS A 251 14.59 -27.48 -2.93
CA HIS A 251 14.38 -26.84 -1.65
C HIS A 251 14.99 -27.65 -0.52
N GLN A 252 14.67 -28.96 -0.47
CA GLN A 252 15.20 -29.80 0.59
C GLN A 252 16.72 -29.86 0.53
N THR A 253 17.31 -30.05 -0.67
CA THR A 253 18.76 -30.11 -0.80
C THR A 253 19.41 -28.82 -0.27
N ALA A 254 18.84 -27.66 -0.62
CA ALA A 254 19.41 -26.37 -0.27
C ALA A 254 19.37 -26.17 1.25
N LEU A 255 18.25 -26.54 1.90
CA LEU A 255 18.10 -26.43 3.34
C LEU A 255 19.12 -27.27 4.09
N GLU A 256 19.74 -28.26 3.43
CA GLU A 256 20.77 -29.02 4.13
C GLU A 256 22.14 -28.35 3.99
N HIS A 257 22.25 -27.27 3.21
CA HIS A 257 23.53 -26.56 3.20
C HIS A 257 23.76 -25.99 4.60
N PRO A 258 24.94 -26.16 5.25
CA PRO A 258 25.20 -25.48 6.54
C PRO A 258 24.94 -23.96 6.59
N GLU A 259 25.18 -23.23 5.50
CA GLU A 259 24.86 -21.80 5.50
C GLU A 259 23.35 -21.48 5.45
N LEU A 260 22.45 -22.49 5.39
CA LEU A 260 20.99 -22.28 5.46
C LEU A 260 20.41 -22.95 6.71
N SER A 261 21.27 -23.22 7.70
CA SER A 261 20.88 -23.95 8.90
C SER A 261 19.79 -23.20 9.67
N GLU A 262 19.90 -21.86 9.76
CA GLU A 262 18.89 -21.04 10.42
C GLU A 262 17.52 -21.14 9.73
N LEU A 263 17.47 -21.03 8.39
CA LEU A 263 16.20 -21.17 7.65
C LEU A 263 15.68 -22.60 7.79
N LYS A 264 16.59 -23.59 7.83
CA LYS A 264 16.15 -24.97 8.00
C LYS A 264 15.36 -25.13 9.30
N THR A 265 15.89 -24.56 10.40
CA THR A 265 15.26 -24.65 11.71
C THR A 265 13.88 -24.00 11.66
N VAL A 266 13.79 -22.76 11.15
CA VAL A 266 12.50 -22.10 11.15
C VAL A 266 11.51 -22.90 10.29
N THR A 267 11.97 -23.35 9.12
CA THR A 267 11.08 -23.98 8.14
C THR A 267 10.27 -25.10 8.79
N GLY A 268 10.93 -25.92 9.61
CA GLY A 268 10.30 -27.04 10.30
C GLY A 268 9.26 -26.64 11.35
N THR A 269 9.14 -25.36 11.70
CA THR A 269 8.24 -25.01 12.79
C THR A 269 6.81 -24.70 12.32
N ASN A 270 6.58 -24.60 11.01
CA ASN A 270 5.25 -24.19 10.57
C ASN A 270 5.01 -24.77 9.18
N PRO A 271 3.84 -25.41 8.93
CA PRO A 271 3.52 -25.95 7.60
C PRO A 271 3.48 -24.91 6.47
N VAL A 272 3.33 -23.63 6.81
CA VAL A 272 3.29 -22.57 5.80
C VAL A 272 4.63 -22.58 5.08
N PHE A 273 5.71 -22.95 5.80
CA PHE A 273 7.07 -22.77 5.26
C PHE A 273 7.56 -24.02 4.53
N ALA A 274 6.73 -25.08 4.43
CA ALA A 274 7.13 -26.32 3.77
C ALA A 274 7.56 -26.10 2.33
N GLY A 275 8.50 -26.97 1.90
CA GLY A 275 9.03 -27.05 0.54
C GLY A 275 7.93 -27.02 -0.52
N ALA A 276 6.83 -27.78 -0.32
CA ALA A 276 5.75 -27.81 -1.31
C ALA A 276 5.16 -26.42 -1.55
N ASN A 277 4.91 -25.67 -0.45
CA ASN A 277 4.43 -24.29 -0.53
C ASN A 277 5.47 -23.36 -1.14
N TYR A 278 6.72 -23.55 -0.74
CA TYR A 278 7.83 -22.78 -1.26
C TYR A 278 7.95 -22.99 -2.78
N ALA A 279 7.91 -24.27 -3.21
CA ALA A 279 8.00 -24.66 -4.62
C ALA A 279 6.87 -23.97 -5.38
N ALA A 280 5.68 -23.94 -4.77
CA ALA A 280 4.49 -23.43 -5.42
C ALA A 280 4.64 -21.93 -5.73
N TRP A 281 5.24 -21.16 -4.81
CA TRP A 281 5.54 -19.75 -5.05
C TRP A 281 6.43 -19.61 -6.28
N ALA A 282 7.55 -20.35 -6.30
CA ALA A 282 8.52 -20.20 -7.38
C ALA A 282 7.91 -20.59 -8.74
N VAL A 283 7.05 -21.62 -8.78
CA VAL A 283 6.37 -21.95 -10.03
C VAL A 283 5.49 -20.80 -10.51
N ASN A 284 4.71 -20.26 -9.57
CA ASN A 284 3.77 -19.20 -9.93
C ASN A 284 4.57 -18.00 -10.44
N VAL A 285 5.73 -17.73 -9.82
CA VAL A 285 6.55 -16.61 -10.31
C VAL A 285 6.96 -16.86 -11.75
N ALA A 286 7.46 -18.07 -12.00
CA ALA A 286 7.97 -18.37 -13.32
C ALA A 286 6.84 -18.27 -14.34
N GLN A 287 5.61 -18.62 -13.94
CA GLN A 287 4.48 -18.61 -14.89
C GLN A 287 4.08 -17.19 -15.30
N VAL A 288 4.28 -16.16 -14.46
CA VAL A 288 3.67 -14.88 -14.76
C VAL A 288 4.68 -13.87 -15.29
N ILE A 289 5.98 -14.21 -15.26
CA ILE A 289 6.96 -13.21 -15.65
C ILE A 289 7.31 -13.43 -17.12
N ASP A 290 6.92 -12.49 -17.97
CA ASP A 290 7.34 -12.51 -19.37
C ASP A 290 8.52 -11.54 -19.53
N SER A 291 9.05 -11.44 -20.75
CA SER A 291 10.29 -10.69 -20.89
C SER A 291 10.06 -9.19 -20.73
N GLU A 292 8.91 -8.68 -21.15
CA GLU A 292 8.60 -7.26 -20.94
C GLU A 292 8.53 -6.94 -19.44
N THR A 293 7.96 -7.86 -18.67
CA THR A 293 7.83 -7.69 -17.22
C THR A 293 9.19 -7.77 -16.54
N ALA A 294 9.96 -8.81 -16.87
CA ALA A 294 11.28 -9.08 -16.31
C ALA A 294 12.20 -7.88 -16.43
N ASP A 295 12.12 -7.14 -17.55
CA ASP A 295 13.02 -6.02 -17.81
C ASP A 295 12.55 -4.71 -17.18
N ASN A 296 11.52 -4.75 -16.32
CA ASN A 296 11.10 -3.51 -15.66
C ASN A 296 10.76 -3.74 -14.17
N LEU A 297 11.39 -3.00 -13.25
CA LEU A 297 11.20 -3.32 -11.83
C LEU A 297 9.76 -3.03 -11.38
N GLU A 298 9.19 -1.94 -11.91
CA GLU A 298 7.83 -1.55 -11.54
C GLU A 298 6.84 -2.64 -11.97
N LYS A 299 6.93 -3.07 -13.24
CA LYS A 299 6.09 -4.15 -13.76
C LYS A 299 6.29 -5.46 -12.99
N THR A 300 7.55 -5.80 -12.71
CA THR A 300 7.85 -6.99 -11.92
C THR A 300 7.16 -6.91 -10.55
N THR A 301 7.27 -5.75 -9.89
CA THR A 301 6.65 -5.56 -8.57
C THR A 301 5.13 -5.62 -8.68
N ALA A 302 4.53 -5.03 -9.74
CA ALA A 302 3.09 -5.14 -9.94
C ALA A 302 2.69 -6.62 -10.04
N ALA A 303 3.44 -7.41 -10.81
CA ALA A 303 3.08 -8.81 -11.03
C ALA A 303 3.26 -9.63 -9.75
N LEU A 304 4.40 -9.45 -9.05
CA LEU A 304 4.64 -10.31 -7.89
C LEU A 304 3.65 -9.97 -6.76
N SER A 305 3.21 -8.71 -6.71
CA SER A 305 2.47 -8.22 -5.56
C SER A 305 1.05 -8.82 -5.50
N ILE A 306 0.58 -9.44 -6.62
CA ILE A 306 -0.79 -9.92 -6.59
C ILE A 306 -0.84 -11.45 -6.47
N LEU A 307 0.31 -12.09 -6.24
CA LEU A 307 0.40 -13.53 -6.09
C LEU A 307 0.05 -13.95 -4.67
N PRO A 308 -0.59 -15.14 -4.54
CA PRO A 308 -0.85 -15.72 -3.24
C PRO A 308 0.42 -16.40 -2.76
N GLY A 309 0.45 -16.70 -1.45
CA GLY A 309 1.44 -17.63 -0.93
C GLY A 309 2.80 -17.03 -0.63
N ILE A 310 2.94 -15.69 -0.66
CA ILE A 310 4.21 -15.08 -0.30
C ILE A 310 4.63 -15.36 1.15
N GLY A 311 3.69 -15.68 2.04
CA GLY A 311 4.11 -15.95 3.42
C GLY A 311 5.05 -17.15 3.56
N SER A 312 5.00 -18.08 2.59
CA SER A 312 5.84 -19.27 2.63
C SER A 312 7.32 -18.88 2.49
N VAL A 313 7.62 -17.80 1.74
CA VAL A 313 8.98 -17.38 1.43
C VAL A 313 9.42 -16.31 2.43
N MET A 314 8.46 -15.50 2.86
CA MET A 314 8.77 -14.40 3.77
C MET A 314 8.79 -14.89 5.22
N GLY A 315 8.31 -16.11 5.48
CA GLY A 315 8.33 -16.61 6.85
C GLY A 315 7.30 -15.88 7.72
N ILE A 316 6.10 -15.64 7.17
CA ILE A 316 5.08 -14.96 7.94
C ILE A 316 3.88 -15.88 8.13
N ALA A 317 3.48 -16.14 9.38
CA ALA A 317 2.32 -17.00 9.63
C ALA A 317 1.81 -16.79 11.05
N ASP A 318 0.50 -17.05 11.27
CA ASP A 318 -0.02 -17.10 12.64
C ASP A 318 0.18 -15.74 13.33
N GLY A 319 0.23 -14.66 12.56
CA GLY A 319 0.26 -13.34 13.16
C GLY A 319 1.66 -12.87 13.56
N ALA A 320 2.73 -13.55 13.11
CA ALA A 320 4.09 -13.20 13.51
C ALA A 320 5.05 -13.28 12.31
N VAL A 321 6.09 -12.45 12.32
CA VAL A 321 7.23 -12.60 11.44
C VAL A 321 8.25 -13.61 12.02
N HIS A 322 8.31 -14.83 11.46
CA HIS A 322 9.24 -15.88 11.87
C HIS A 322 10.64 -15.67 11.25
N HIS A 323 10.73 -15.21 9.98
CA HIS A 323 12.04 -14.92 9.40
C HIS A 323 12.45 -13.51 9.83
N ASN A 324 13.10 -13.43 11.00
CA ASN A 324 13.13 -12.16 11.70
C ASN A 324 14.59 -11.72 11.95
N THR A 325 15.57 -12.30 11.24
CA THR A 325 16.93 -11.79 11.32
C THR A 325 17.46 -11.60 9.91
N GLU A 326 18.57 -10.87 9.79
CA GLU A 326 19.17 -10.61 8.49
C GLU A 326 19.63 -11.93 7.92
N GLU A 327 20.08 -12.84 8.81
CA GLU A 327 20.55 -14.13 8.31
C GLU A 327 19.39 -14.91 7.69
N ILE A 328 18.29 -15.11 8.43
CA ILE A 328 17.21 -15.91 7.85
C ILE A 328 16.64 -15.24 6.60
N VAL A 329 16.44 -13.92 6.63
CA VAL A 329 15.88 -13.27 5.46
C VAL A 329 16.77 -13.51 4.24
N ALA A 330 18.08 -13.24 4.36
CA ALA A 330 18.99 -13.40 3.24
C ALA A 330 18.96 -14.84 2.71
N GLN A 331 18.89 -15.83 3.63
CA GLN A 331 18.87 -17.24 3.23
C GLN A 331 17.61 -17.55 2.43
N SER A 332 16.44 -17.01 2.84
CA SER A 332 15.22 -17.27 2.08
C SER A 332 15.22 -16.53 0.74
N ILE A 333 15.70 -15.28 0.72
CA ILE A 333 15.73 -14.61 -0.58
C ILE A 333 16.69 -15.33 -1.55
N ALA A 334 17.88 -15.72 -1.03
CA ALA A 334 18.82 -16.46 -1.87
C ALA A 334 18.16 -17.73 -2.41
N LEU A 335 17.51 -18.49 -1.54
CA LEU A 335 16.93 -19.74 -2.00
C LEU A 335 15.78 -19.50 -2.98
N SER A 336 14.92 -18.53 -2.68
CA SER A 336 13.86 -18.28 -3.64
C SER A 336 14.41 -17.81 -5.00
N SER A 337 15.47 -17.00 -5.01
CA SER A 337 16.13 -16.58 -6.25
C SER A 337 16.57 -17.80 -7.09
N LEU A 338 17.26 -18.75 -6.44
CA LEU A 338 17.76 -19.91 -7.17
C LEU A 338 16.61 -20.80 -7.62
N MET A 339 15.54 -20.84 -6.82
CA MET A 339 14.42 -21.70 -7.16
C MET A 339 13.66 -21.09 -8.33
N VAL A 340 13.53 -19.74 -8.37
CA VAL A 340 12.91 -19.12 -9.53
C VAL A 340 13.70 -19.40 -10.82
N ALA A 341 15.03 -19.32 -10.70
CA ALA A 341 15.97 -19.60 -11.77
C ALA A 341 15.76 -21.03 -12.31
N GLN A 342 15.59 -22.01 -11.42
CA GLN A 342 15.33 -23.40 -11.78
C GLN A 342 13.95 -23.57 -12.43
N ALA A 343 12.92 -22.90 -11.88
CA ALA A 343 11.55 -22.99 -12.37
C ALA A 343 11.35 -22.43 -13.78
N ILE A 344 12.09 -21.37 -14.13
CA ILE A 344 11.86 -20.65 -15.38
C ILE A 344 11.93 -21.57 -16.62
N PRO A 345 12.99 -22.38 -16.85
CA PRO A 345 12.98 -23.34 -17.96
C PRO A 345 11.82 -24.35 -17.94
N LEU A 346 11.28 -24.63 -16.76
CA LEU A 346 10.35 -25.73 -16.60
C LEU A 346 8.92 -25.28 -16.91
N VAL A 347 8.59 -24.07 -16.47
CA VAL A 347 7.22 -23.63 -16.58
C VAL A 347 7.14 -22.20 -17.10
N GLY A 348 8.29 -21.56 -17.35
CA GLY A 348 8.31 -20.13 -17.65
C GLY A 348 8.40 -19.89 -19.16
N GLU A 349 8.43 -18.62 -19.55
CA GLU A 349 8.46 -18.29 -20.97
C GLU A 349 9.70 -17.48 -21.29
N LEU A 350 10.58 -17.34 -20.31
CA LEU A 350 11.71 -16.43 -20.42
C LEU A 350 12.88 -17.19 -21.03
N VAL A 351 13.64 -16.53 -21.92
CA VAL A 351 14.83 -17.16 -22.45
C VAL A 351 15.97 -17.07 -21.43
N ASP A 352 16.19 -15.88 -20.83
CA ASP A 352 17.21 -15.64 -19.82
C ASP A 352 16.77 -16.18 -18.47
N ILE A 353 17.76 -16.46 -17.60
CA ILE A 353 17.55 -16.75 -16.20
C ILE A 353 17.82 -15.48 -15.37
N GLY A 354 18.38 -14.44 -16.03
CA GLY A 354 18.91 -13.25 -15.39
C GLY A 354 17.90 -12.55 -14.47
N PHE A 355 16.61 -12.62 -14.83
CA PHE A 355 15.55 -12.09 -14.00
C PHE A 355 15.70 -12.54 -12.54
N ALA A 356 16.02 -13.83 -12.33
CA ALA A 356 16.05 -14.44 -11.01
C ALA A 356 17.04 -13.73 -10.08
N ALA A 357 18.18 -13.26 -10.66
CA ALA A 357 19.23 -12.63 -9.85
C ALA A 357 18.99 -11.13 -9.70
N TYR A 358 18.25 -10.52 -10.64
CA TYR A 358 18.22 -9.07 -10.74
C TYR A 358 16.86 -8.54 -10.23
N ASN A 359 15.89 -8.35 -11.15
CA ASN A 359 14.60 -7.77 -10.80
C ASN A 359 13.80 -8.62 -9.80
N PHE A 360 13.97 -9.95 -9.79
CA PHE A 360 13.25 -10.80 -8.85
C PHE A 360 13.69 -10.43 -7.42
N VAL A 361 15.00 -10.38 -7.19
CA VAL A 361 15.52 -10.08 -5.85
C VAL A 361 15.13 -8.65 -5.42
N GLU A 362 15.39 -7.70 -6.31
CA GLU A 362 15.05 -6.33 -5.98
C GLU A 362 13.57 -6.19 -5.60
N SER A 363 12.68 -6.84 -6.35
CA SER A 363 11.24 -6.66 -6.15
C SER A 363 10.82 -7.36 -4.87
N ILE A 364 11.35 -8.59 -4.64
CA ILE A 364 10.87 -9.29 -3.47
C ILE A 364 11.34 -8.58 -2.20
N ILE A 365 12.53 -7.97 -2.24
CA ILE A 365 13.01 -7.22 -1.08
C ILE A 365 11.98 -6.15 -0.75
N ASN A 366 11.49 -5.46 -1.77
CA ASN A 366 10.46 -4.43 -1.57
C ASN A 366 9.25 -5.04 -0.84
N LEU A 367 8.76 -6.22 -1.31
CA LEU A 367 7.57 -6.83 -0.70
C LEU A 367 7.82 -7.18 0.77
N PHE A 368 9.01 -7.71 1.07
CA PHE A 368 9.33 -7.99 2.48
C PHE A 368 9.21 -6.70 3.29
N GLN A 369 9.76 -5.60 2.77
CA GLN A 369 9.80 -4.35 3.53
C GLN A 369 8.37 -3.88 3.81
N VAL A 370 7.49 -4.03 2.82
CA VAL A 370 6.08 -3.62 2.91
C VAL A 370 5.42 -4.35 4.08
N VAL A 371 5.65 -5.67 4.14
CA VAL A 371 4.94 -6.49 5.09
C VAL A 371 5.54 -6.25 6.48
N HIS A 372 6.87 -6.20 6.54
CA HIS A 372 7.46 -5.84 7.82
C HIS A 372 6.86 -4.54 8.35
N ASN A 373 6.69 -3.55 7.48
CA ASN A 373 6.20 -2.23 7.89
C ASN A 373 4.82 -2.34 8.55
N SER A 374 3.95 -3.18 7.97
CA SER A 374 2.63 -3.47 8.53
C SER A 374 2.74 -4.11 9.91
N TYR A 375 3.59 -5.15 10.05
CA TYR A 375 3.74 -5.86 11.32
C TYR A 375 4.39 -4.98 12.39
N ASN A 376 5.12 -3.94 11.99
CA ASN A 376 5.65 -3.01 12.98
C ASN A 376 4.63 -2.01 13.53
N ARG A 377 3.41 -2.01 12.99
CA ARG A 377 2.37 -1.06 13.37
C ARG A 377 1.31 -1.76 14.21
N PRO A 378 0.59 -1.04 15.11
CA PRO A 378 -0.51 -1.68 15.85
C PRO A 378 -1.57 -2.24 14.90
N ALA A 379 -2.07 -3.44 15.20
CA ALA A 379 -3.07 -4.08 14.36
C ALA A 379 -4.36 -3.27 14.41
N TYR A 380 -4.82 -2.79 13.26
CA TYR A 380 -6.15 -2.21 13.18
C TYR A 380 -7.19 -3.26 13.63
N SER A 381 -8.28 -2.82 14.26
CA SER A 381 -9.18 -3.79 14.89
C SER A 381 -9.57 -4.85 13.85
N PRO A 382 -9.51 -6.17 14.15
CA PRO A 382 -10.04 -7.19 13.23
C PRO A 382 -11.55 -7.39 13.33
N GLY A 383 -12.19 -6.63 14.23
CA GLY A 383 -13.59 -6.86 14.52
C GLY A 383 -14.53 -6.29 13.44
N HIS A 384 -15.09 -7.17 12.58
CA HIS A 384 -16.16 -6.77 11.67
C HIS A 384 -17.37 -6.27 12.46
N LYS A 385 -17.93 -5.15 11.97
CA LYS A 385 -19.05 -4.49 12.63
C LYS A 385 -20.39 -4.94 12.05
N THR A 386 -20.39 -5.52 10.84
CA THR A 386 -21.57 -6.16 10.31
C THR A 386 -21.11 -7.56 9.88
N GLN A 387 -22.02 -8.49 9.59
CA GLN A 387 -21.64 -9.87 9.33
C GLN A 387 -20.69 -9.93 8.12
N PRO A 388 -19.46 -10.50 8.24
CA PRO A 388 -18.51 -10.43 7.14
C PRO A 388 -18.81 -11.44 6.04
N PHE A 389 -18.38 -11.11 4.83
CA PHE A 389 -18.36 -12.09 3.74
C PHE A 389 -16.96 -12.68 3.69
N LEU A 390 -16.87 -14.02 3.74
CA LEU A 390 -15.61 -14.75 3.75
C LEU A 390 -15.38 -15.47 2.42
N HIS A 391 -14.19 -15.34 1.84
CA HIS A 391 -13.86 -16.04 0.60
C HIS A 391 -12.34 -16.05 0.46
N ASP A 392 -11.79 -17.23 0.18
CA ASP A 392 -10.39 -17.40 -0.22
C ASP A 392 -9.44 -16.94 0.89
N GLY A 393 -9.89 -16.94 2.14
CA GLY A 393 -9.03 -16.56 3.25
C GLY A 393 -9.22 -15.11 3.71
N TYR A 394 -9.95 -14.30 2.92
CA TYR A 394 -10.25 -12.89 3.21
C TYR A 394 -11.60 -12.83 3.91
N ALA A 395 -11.85 -11.71 4.64
CA ALA A 395 -13.17 -11.35 5.14
C ALA A 395 -13.38 -9.86 4.98
N VAL A 396 -14.56 -9.47 4.50
CA VAL A 396 -14.84 -8.08 4.18
C VAL A 396 -16.20 -7.75 4.79
N SER A 397 -16.35 -6.49 5.23
CA SER A 397 -17.67 -6.07 5.69
C SER A 397 -17.84 -4.56 5.57
N TRP A 398 -19.09 -4.12 5.46
CA TRP A 398 -19.35 -2.69 5.57
C TRP A 398 -19.12 -2.28 7.03
N ASN A 399 -18.51 -1.11 7.23
CA ASN A 399 -18.34 -0.56 8.58
C ASN A 399 -19.71 -0.36 9.25
N THR A 400 -20.69 0.18 8.50
CA THR A 400 -22.04 0.40 9.03
C THR A 400 -23.05 0.22 7.92
N VAL A 401 -24.35 0.11 8.30
CA VAL A 401 -25.41 0.03 7.32
C VAL A 401 -25.29 1.22 6.36
N GLU A 402 -25.09 2.42 6.90
CA GLU A 402 -25.11 3.66 6.14
C GLU A 402 -24.01 3.64 5.06
N ASP A 403 -22.83 3.07 5.40
CA ASP A 403 -21.75 2.88 4.44
C ASP A 403 -22.23 2.11 3.21
N SER A 404 -23.16 1.15 3.37
CA SER A 404 -23.61 0.31 2.27
C SER A 404 -24.64 1.02 1.40
N ILE A 405 -25.01 2.25 1.77
CA ILE A 405 -25.99 3.01 1.01
C ILE A 405 -25.27 4.12 0.24
N ILE A 406 -25.53 4.15 -1.07
CA ILE A 406 -25.03 5.25 -1.87
C ILE A 406 -26.21 6.19 -2.13
N ARG A 407 -26.19 7.35 -1.47
CA ARG A 407 -27.31 8.30 -1.63
C ARG A 407 -27.17 9.03 -2.97
N THR A 408 -28.33 9.50 -3.49
CA THR A 408 -28.42 10.14 -4.80
C THR A 408 -29.31 11.38 -4.69
N GLY A 409 -29.24 12.23 -5.72
CA GLY A 409 -30.14 13.37 -5.82
C GLY A 409 -29.62 14.59 -5.05
N PHE A 410 -28.29 14.73 -4.94
CA PHE A 410 -27.64 15.93 -4.45
C PHE A 410 -26.27 16.02 -5.13
N GLN A 411 -25.72 17.24 -5.21
CA GLN A 411 -24.36 17.46 -5.64
C GLN A 411 -23.43 17.27 -4.44
N GLY A 412 -22.28 16.64 -4.65
CA GLY A 412 -21.27 16.62 -3.61
C GLY A 412 -20.75 15.22 -3.30
N GLU A 413 -20.10 15.10 -2.12
CA GLU A 413 -19.24 13.98 -1.76
C GLU A 413 -19.98 13.02 -0.83
N SER A 414 -19.54 11.77 -0.82
CA SER A 414 -19.87 10.82 0.23
C SER A 414 -18.67 9.88 0.42
N GLY A 415 -18.56 9.28 1.62
CA GLY A 415 -17.47 8.38 1.97
C GLY A 415 -18.06 7.08 2.52
N HIS A 416 -17.36 5.96 2.28
CA HIS A 416 -17.91 4.63 2.53
C HIS A 416 -16.79 3.71 2.99
N ASP A 417 -16.90 3.17 4.21
CA ASP A 417 -15.80 2.40 4.78
C ASP A 417 -16.10 0.91 4.78
N ILE A 418 -15.06 0.13 4.43
CA ILE A 418 -15.12 -1.33 4.31
C ILE A 418 -13.91 -1.88 5.04
N LYS A 419 -14.16 -2.85 5.91
CA LYS A 419 -13.11 -3.51 6.68
C LYS A 419 -12.64 -4.75 5.94
N ILE A 420 -11.33 -4.92 5.86
CA ILE A 420 -10.74 -6.09 5.20
C ILE A 420 -9.76 -6.76 6.15
N THR A 421 -9.99 -8.04 6.42
CA THR A 421 -9.05 -8.87 7.14
C THR A 421 -8.71 -10.13 6.31
N ALA A 422 -7.68 -10.87 6.75
CA ALA A 422 -7.39 -12.20 6.24
C ALA A 422 -6.94 -13.09 7.40
N GLU A 423 -7.11 -14.41 7.23
CA GLU A 423 -7.09 -15.34 8.34
C GLU A 423 -5.66 -15.62 8.82
N ASN A 424 -4.66 -15.58 7.93
CA ASN A 424 -3.37 -16.17 8.33
C ASN A 424 -2.21 -15.48 7.60
N THR A 425 -1.75 -16.06 6.46
CA THR A 425 -0.58 -15.51 5.78
C THR A 425 -0.98 -14.23 5.02
N PRO A 426 0.00 -13.41 4.58
CA PRO A 426 -0.28 -12.14 3.91
C PRO A 426 -0.92 -12.43 2.55
N LEU A 427 -2.13 -11.91 2.40
CA LEU A 427 -2.83 -12.00 1.12
C LEU A 427 -2.97 -10.61 0.52
N PRO A 428 -2.69 -10.47 -0.80
CA PRO A 428 -2.67 -9.17 -1.44
C PRO A 428 -4.07 -8.63 -1.71
N ILE A 429 -4.18 -7.30 -1.82
CA ILE A 429 -5.36 -6.65 -2.39
C ILE A 429 -4.89 -5.95 -3.64
N ALA A 430 -5.31 -6.49 -4.80
CA ALA A 430 -4.95 -5.92 -6.09
C ALA A 430 -5.61 -4.57 -6.30
N GLY A 431 -6.80 -4.41 -5.75
CA GLY A 431 -7.48 -3.15 -6.00
C GLY A 431 -8.97 -3.33 -5.81
N VAL A 432 -9.74 -2.39 -6.34
CA VAL A 432 -11.17 -2.38 -6.07
C VAL A 432 -11.90 -1.93 -7.34
N LEU A 433 -13.03 -2.57 -7.64
CA LEU A 433 -13.84 -2.18 -8.79
C LEU A 433 -15.02 -1.36 -8.27
N LEU A 434 -15.21 -0.16 -8.82
CA LEU A 434 -16.21 0.75 -8.29
C LEU A 434 -17.19 1.12 -9.39
N PRO A 435 -18.49 1.33 -9.06
CA PRO A 435 -19.50 1.75 -10.04
C PRO A 435 -19.30 3.22 -10.39
N THR A 436 -19.65 3.60 -11.62
CA THR A 436 -19.75 5.00 -12.00
C THR A 436 -20.96 5.18 -12.93
N ILE A 437 -21.56 6.35 -12.84
CA ILE A 437 -22.64 6.77 -13.71
C ILE A 437 -22.30 8.19 -14.16
N PRO A 438 -22.19 8.43 -15.49
CA PRO A 438 -21.71 9.72 -16.02
C PRO A 438 -22.52 10.89 -15.45
N GLY A 439 -21.83 11.73 -14.68
CA GLY A 439 -22.38 12.98 -14.17
C GLY A 439 -23.33 12.79 -12.97
N LYS A 440 -23.27 11.61 -12.33
CA LYS A 440 -24.15 11.28 -11.22
C LYS A 440 -23.38 10.54 -10.13
N LEU A 441 -22.32 9.81 -10.51
CA LEU A 441 -21.52 9.05 -9.57
C LEU A 441 -20.13 8.85 -10.15
N ASP A 442 -19.19 9.63 -9.62
CA ASP A 442 -17.79 9.52 -9.98
C ASP A 442 -16.96 9.22 -8.73
N VAL A 443 -15.84 8.54 -8.94
CA VAL A 443 -14.93 8.22 -7.85
C VAL A 443 -14.10 9.48 -7.60
N ASN A 444 -14.03 9.88 -6.33
CA ASN A 444 -13.13 10.94 -5.93
C ASN A 444 -11.75 10.30 -5.75
N LYS A 445 -10.87 10.46 -6.75
CA LYS A 445 -9.61 9.71 -6.81
C LYS A 445 -8.63 10.24 -5.75
N SER A 446 -8.93 11.39 -5.14
CA SER A 446 -7.97 11.87 -4.16
C SER A 446 -8.29 11.38 -2.74
N LYS A 447 -9.58 11.19 -2.43
CA LYS A 447 -10.00 10.85 -1.06
C LYS A 447 -10.13 9.33 -0.85
N THR A 448 -10.18 8.57 -1.94
CA THR A 448 -10.31 7.12 -1.94
C THR A 448 -8.94 6.52 -1.60
N HIS A 449 -8.88 5.63 -0.60
CA HIS A 449 -7.59 5.13 -0.12
C HIS A 449 -7.81 3.84 0.66
N ILE A 450 -6.70 3.16 0.94
CA ILE A 450 -6.78 2.04 1.85
C ILE A 450 -5.75 2.29 2.95
N SER A 451 -6.20 2.06 4.18
CA SER A 451 -5.34 2.23 5.35
C SER A 451 -5.04 0.86 5.95
N VAL A 452 -3.76 0.47 5.95
CA VAL A 452 -3.34 -0.84 6.42
C VAL A 452 -2.62 -0.64 7.75
N ASN A 453 -3.24 -1.07 8.87
CA ASN A 453 -2.72 -0.84 10.22
C ASN A 453 -2.35 0.64 10.42
N GLY A 454 -3.12 1.55 9.82
CA GLY A 454 -2.91 2.99 9.91
C GLY A 454 -2.01 3.62 8.83
N ARG A 455 -1.33 2.79 8.01
CA ARG A 455 -0.56 3.28 6.88
C ARG A 455 -1.53 3.66 5.76
N LYS A 456 -1.56 4.95 5.42
CA LYS A 456 -2.55 5.36 4.43
C LYS A 456 -1.97 5.27 3.03
N ILE A 457 -2.61 4.45 2.19
CA ILE A 457 -2.06 4.24 0.86
C ILE A 457 -3.09 4.76 -0.15
N ARG A 458 -2.70 5.78 -0.92
CA ARG A 458 -3.59 6.33 -1.95
C ARG A 458 -3.71 5.36 -3.12
N MET A 459 -4.61 5.71 -4.06
CA MET A 459 -4.94 4.83 -5.16
C MET A 459 -4.65 5.49 -6.52
N ARG A 460 -4.39 4.67 -7.54
CA ARG A 460 -4.44 5.17 -8.92
C ARG A 460 -5.63 4.48 -9.59
N CYS A 461 -6.51 5.27 -10.23
CA CYS A 461 -7.79 4.74 -10.70
C CYS A 461 -7.94 4.98 -12.20
N ARG A 462 -8.42 3.96 -12.93
CA ARG A 462 -8.77 4.17 -14.34
C ARG A 462 -10.10 3.47 -14.66
N ALA A 463 -10.83 4.04 -15.64
CA ALA A 463 -12.04 3.48 -16.19
C ALA A 463 -11.71 2.18 -16.95
N ILE A 464 -12.46 1.13 -16.65
CA ILE A 464 -12.44 -0.05 -17.50
C ILE A 464 -13.38 0.22 -18.66
N ASP A 465 -14.39 1.04 -18.37
CA ASP A 465 -15.39 1.57 -19.28
C ASP A 465 -16.18 2.63 -18.52
N GLY A 466 -17.28 3.10 -19.12
CA GLY A 466 -18.06 4.21 -18.61
C GLY A 466 -18.83 3.86 -17.34
N ASP A 467 -18.85 2.56 -17.00
CA ASP A 467 -19.66 2.02 -15.92
C ASP A 467 -18.79 1.60 -14.73
N VAL A 468 -17.52 1.23 -14.99
CA VAL A 468 -16.66 0.67 -13.96
C VAL A 468 -15.31 1.36 -13.94
N THR A 469 -14.81 1.71 -12.72
CA THR A 469 -13.46 2.21 -12.52
C THR A 469 -12.71 1.19 -11.66
N PHE A 470 -11.46 0.89 -12.02
CA PHE A 470 -10.63 0.03 -11.19
C PHE A 470 -9.58 0.89 -10.48
N CYS A 471 -9.51 0.78 -9.14
CA CYS A 471 -8.54 1.56 -8.38
C CYS A 471 -7.49 0.63 -7.79
N ARG A 472 -6.19 0.91 -8.04
CA ARG A 472 -5.10 0.08 -7.54
C ARG A 472 -4.28 0.86 -6.52
N PRO A 473 -3.85 0.22 -5.42
CA PRO A 473 -3.07 0.91 -4.38
C PRO A 473 -1.71 1.33 -4.94
N LYS A 474 -1.21 2.47 -4.45
CA LYS A 474 0.07 3.01 -4.90
C LYS A 474 1.23 2.39 -4.15
N SER A 475 0.97 1.61 -3.10
CA SER A 475 1.97 0.74 -2.49
C SER A 475 1.33 -0.64 -2.38
N PRO A 476 2.10 -1.76 -2.38
CA PRO A 476 1.50 -3.09 -2.30
C PRO A 476 0.70 -3.22 -0.99
N VAL A 477 -0.50 -3.79 -1.09
CA VAL A 477 -1.36 -4.00 0.07
C VAL A 477 -1.44 -5.49 0.33
N TYR A 478 -1.14 -5.86 1.59
CA TYR A 478 -1.41 -7.20 2.08
C TYR A 478 -2.19 -7.09 3.38
N VAL A 479 -3.07 -8.07 3.59
CA VAL A 479 -3.76 -8.30 4.84
C VAL A 479 -3.47 -9.74 5.27
N GLY A 480 -3.64 -10.01 6.56
CA GLY A 480 -3.34 -11.28 7.19
C GLY A 480 -3.61 -11.21 8.68
N ASN A 481 -3.23 -12.25 9.42
CA ASN A 481 -3.52 -12.22 10.84
C ASN A 481 -2.65 -11.10 11.46
N GLY A 482 -3.27 -10.07 12.06
CA GLY A 482 -2.52 -8.95 12.64
C GLY A 482 -2.28 -7.76 11.69
N VAL A 483 -2.77 -7.88 10.45
CA VAL A 483 -2.60 -6.82 9.47
C VAL A 483 -3.96 -6.59 8.82
N HIS A 484 -4.66 -5.54 9.24
CA HIS A 484 -6.03 -5.38 8.78
C HIS A 484 -6.21 -4.00 8.16
N ALA A 485 -7.26 -3.81 7.34
CA ALA A 485 -7.33 -2.60 6.56
C ALA A 485 -8.73 -1.99 6.62
N ASN A 486 -8.74 -0.67 6.46
CA ASN A 486 -9.97 0.05 6.14
C ASN A 486 -9.86 0.55 4.70
N LEU A 487 -10.83 0.13 3.87
CA LEU A 487 -10.88 0.63 2.52
C LEU A 487 -11.88 1.79 2.50
N HIS A 488 -11.43 2.99 2.11
CA HIS A 488 -12.29 4.16 2.15
C HIS A 488 -12.62 4.59 0.73
N VAL A 489 -13.88 4.39 0.33
CA VAL A 489 -14.26 4.71 -1.04
C VAL A 489 -14.94 6.07 -0.97
N ALA A 490 -14.54 7.03 -1.82
CA ALA A 490 -15.14 8.35 -1.82
C ALA A 490 -15.70 8.64 -3.22
N PHE A 491 -16.98 9.05 -3.25
CA PHE A 491 -17.70 9.37 -4.48
C PHE A 491 -17.99 10.86 -4.54
N HIS A 492 -18.06 11.39 -5.76
CA HIS A 492 -18.47 12.76 -5.99
C HIS A 492 -19.64 12.75 -6.98
N ARG A 493 -20.62 13.63 -6.74
CA ARG A 493 -21.76 13.74 -7.64
C ARG A 493 -21.73 15.11 -8.27
N SER A 494 -21.72 15.11 -9.59
CA SER A 494 -21.56 16.27 -10.46
C SER A 494 -22.87 17.03 -10.59
N SER A 495 -24.00 16.35 -10.41
CA SER A 495 -25.30 17.00 -10.54
C SER A 495 -26.28 16.48 -9.49
N SER A 496 -27.46 17.13 -9.41
CA SER A 496 -28.48 16.90 -8.38
C SER A 496 -29.58 15.99 -8.78
N GLU A 497 -29.52 15.54 -10.07
CA GLU A 497 -30.51 14.52 -10.62
C GLU A 497 -30.22 13.17 -9.89
N LYS A 498 -31.30 12.38 -9.64
CA LYS A 498 -31.25 11.05 -9.02
C LYS A 498 -30.88 9.97 -10.04
N ILE A 499 -29.96 9.09 -9.60
CA ILE A 499 -29.66 7.85 -10.30
C ILE A 499 -30.95 7.03 -10.46
N HIS A 500 -31.19 6.56 -11.68
CA HIS A 500 -32.36 5.78 -12.04
C HIS A 500 -32.04 4.29 -11.87
N SER A 501 -33.09 3.49 -11.63
CA SER A 501 -32.88 2.07 -11.35
C SER A 501 -32.22 1.40 -12.55
N ASN A 502 -32.56 1.85 -13.77
CA ASN A 502 -32.09 1.21 -14.99
C ASN A 502 -30.70 1.72 -15.41
N GLU A 503 -30.04 2.52 -14.55
CA GLU A 503 -28.73 3.10 -14.83
C GLU A 503 -27.66 2.34 -14.05
N ILE A 504 -28.11 1.45 -13.17
CA ILE A 504 -27.21 0.78 -12.24
C ILE A 504 -26.69 -0.48 -12.91
N SER A 505 -25.47 -0.40 -13.44
CA SER A 505 -24.80 -1.59 -13.97
C SER A 505 -24.36 -2.48 -12.82
N SER A 506 -23.58 -1.89 -11.90
CA SER A 506 -22.97 -2.52 -10.74
C SER A 506 -23.94 -2.55 -9.56
N ASP A 507 -24.15 -3.73 -8.99
CA ASP A 507 -24.85 -3.93 -7.74
C ASP A 507 -23.89 -3.76 -6.55
N SER A 508 -22.58 -3.76 -6.84
CA SER A 508 -21.63 -3.99 -5.75
C SER A 508 -20.29 -3.30 -5.96
N ILE A 509 -19.56 -3.20 -4.87
CA ILE A 509 -18.15 -2.87 -4.89
C ILE A 509 -17.39 -4.20 -4.82
N GLY A 510 -16.50 -4.38 -5.80
CA GLY A 510 -15.74 -5.59 -6.00
C GLY A 510 -14.32 -5.42 -5.43
N VAL A 511 -14.05 -6.05 -4.31
CA VAL A 511 -12.67 -5.98 -3.83
C VAL A 511 -11.88 -7.10 -4.49
N LEU A 512 -10.70 -6.78 -5.07
CA LEU A 512 -9.93 -7.80 -5.77
C LEU A 512 -8.73 -8.27 -4.94
N GLY A 513 -8.71 -9.59 -4.72
CA GLY A 513 -7.64 -10.26 -3.97
C GLY A 513 -6.55 -10.77 -4.89
N TYR A 514 -5.98 -11.95 -4.56
CA TYR A 514 -4.84 -12.45 -5.32
C TYR A 514 -5.32 -13.00 -6.67
N GLN A 515 -4.36 -13.10 -7.60
CA GLN A 515 -4.55 -13.67 -8.92
C GLN A 515 -4.00 -15.08 -8.96
N LYS A 516 -4.84 -16.02 -9.37
CA LYS A 516 -4.41 -17.39 -9.52
C LYS A 516 -4.37 -17.70 -11.02
N THR A 517 -3.34 -18.45 -11.44
CA THR A 517 -3.26 -18.96 -12.80
C THR A 517 -3.74 -20.41 -12.82
N VAL A 518 -4.90 -20.65 -13.46
CA VAL A 518 -5.56 -21.95 -13.37
C VAL A 518 -5.06 -22.90 -14.47
N ASP A 519 -5.69 -22.82 -15.66
CA ASP A 519 -5.19 -23.55 -16.82
C ASP A 519 -3.92 -22.85 -17.30
N HIS A 520 -4.12 -21.82 -18.12
CA HIS A 520 -3.11 -20.79 -18.40
C HIS A 520 -3.74 -19.42 -18.18
N THR A 521 -5.02 -19.42 -17.78
CA THR A 521 -5.83 -18.21 -17.63
C THR A 521 -5.78 -17.70 -16.19
N LYS A 522 -6.03 -16.38 -16.04
CA LYS A 522 -5.80 -15.66 -14.80
C LYS A 522 -7.15 -15.29 -14.17
N VAL A 523 -7.39 -15.78 -12.94
CA VAL A 523 -8.59 -15.50 -12.17
C VAL A 523 -8.23 -14.78 -10.87
N ASN A 524 -8.91 -13.65 -10.63
CA ASN A 524 -8.74 -12.87 -9.41
C ASN A 524 -9.71 -13.36 -8.36
N SER A 525 -9.24 -13.50 -7.11
CA SER A 525 -10.17 -13.60 -6.01
C SER A 525 -11.01 -12.34 -5.97
N LYS A 526 -12.33 -12.54 -5.81
CA LYS A 526 -13.20 -11.36 -5.79
C LYS A 526 -14.12 -11.42 -4.60
N LEU A 527 -14.16 -10.31 -3.85
CA LEU A 527 -15.12 -10.24 -2.77
C LEU A 527 -16.01 -9.03 -2.99
N SER A 528 -17.31 -9.30 -3.14
CA SER A 528 -18.30 -8.30 -3.48
C SER A 528 -19.07 -7.83 -2.26
N LEU A 529 -19.21 -6.50 -2.11
CA LEU A 529 -20.14 -5.96 -1.13
C LEU A 529 -21.24 -5.21 -1.89
N PHE A 530 -22.50 -5.64 -1.71
CA PHE A 530 -23.64 -5.03 -2.37
C PHE A 530 -24.11 -3.80 -1.60
N PHE A 531 -24.44 -2.74 -2.36
CA PHE A 531 -24.87 -1.46 -1.85
C PHE A 531 -26.28 -1.19 -2.36
N GLU A 532 -26.96 -0.19 -1.79
CA GLU A 532 -28.25 0.26 -2.27
C GLU A 532 -28.17 1.73 -2.65
N ILE A 533 -28.80 2.10 -3.78
CA ILE A 533 -28.99 3.48 -4.16
C ILE A 533 -30.28 3.96 -3.52
N LYS A 534 -30.21 5.06 -2.78
CA LYS A 534 -31.40 5.66 -2.19
C LYS A 534 -31.37 7.17 -2.33
N SER A 535 -32.56 7.78 -2.37
CA SER A 535 -32.75 9.18 -1.98
C SER A 535 -32.87 9.26 -0.45
C TRS B . 25.31 -21.44 9.85
C1 TRS B . 24.33 -20.70 8.94
C2 TRS B . 26.77 -21.24 9.43
C3 TRS B . 25.08 -21.12 11.33
N TRS B . 25.06 -22.89 9.72
O1 TRS B . 24.89 -19.52 8.39
O2 TRS B . 27.28 -22.41 8.80
O3 TRS B . 25.38 -19.76 11.61
#